data_5F6Q
#
_entry.id   5F6Q
#
_cell.length_a   84.873
_cell.length_b   84.793
_cell.length_c   109.571
_cell.angle_alpha   90.00
_cell.angle_beta   90.00
_cell.angle_gamma   90.00
#
_symmetry.space_group_name_H-M   'I 2 2 2'
#
loop_
_entity.id
_entity.type
_entity.pdbx_description
1 polymer 'Metallothiol transferase FosB 2'
2 non-polymer 'ZINC ION'
3 non-polymer 'SULFATE ION'
4 non-polymer GLYCEROL
5 non-polymer 'CHLORIDE ION'
6 non-polymer 'POTASSIUM ION'
7 water water
#
_entity_poly.entity_id   1
_entity_poly.type   'polypeptide(L)'
_entity_poly.pdbx_seq_one_letter_code
;SNAMLQGINHICFSVSNLEKSIEFYQKILQAKLLVKGRKLAYFDLNGLWIALNVEEDIPRNEIKQSYTHMAFTVTNEALD
HLKEVLIQNDVNILPGRERDERDQRSLYFTDPDGHKFEFHTGTLQNRLEYYKEDKKHMTFYI
;
_entity_poly.pdbx_strand_id   A,B
#
# COMPACT_ATOMS: atom_id res chain seq x y z
N ALA A 3 9.88 10.74 33.39
CA ALA A 3 8.72 10.31 32.55
C ALA A 3 7.43 11.01 33.00
N MET A 4 7.03 12.06 32.29
CA MET A 4 5.89 12.87 32.71
C MET A 4 4.53 12.37 32.21
N LEU A 5 4.52 11.46 31.24
CA LEU A 5 3.25 10.86 30.79
C LEU A 5 3.06 9.53 31.47
N GLN A 6 1.80 9.18 31.72
CA GLN A 6 1.39 7.97 32.49
C GLN A 6 0.46 7.03 31.70
N GLY A 7 0.69 6.95 30.40
CA GLY A 7 -0.07 6.04 29.52
C GLY A 7 -1.20 6.72 28.77
N ILE A 8 -1.79 5.99 27.84
CA ILE A 8 -2.97 6.51 27.11
C ILE A 8 -4.12 6.71 28.10
N ASN A 9 -4.77 7.86 27.99
CA ASN A 9 -5.90 8.20 28.82
C ASN A 9 -7.21 7.87 28.08
N HIS A 10 -7.32 8.34 26.83
CA HIS A 10 -8.47 8.03 26.01
C HIS A 10 -8.14 8.32 24.56
N ILE A 11 -8.96 7.77 23.69
N ILE A 11 -8.88 7.68 23.67
CA ILE A 11 -8.89 8.01 22.27
CA ILE A 11 -8.85 8.03 22.24
C ILE A 11 -10.27 8.43 21.76
C ILE A 11 -10.26 8.51 21.86
N CYS A 12 -10.30 9.51 20.98
CA CYS A 12 -11.55 10.10 20.51
C CYS A 12 -11.56 10.06 19.00
N PHE A 13 -12.69 9.63 18.45
CA PHE A 13 -12.91 9.63 16.99
C PHE A 13 -14.06 10.54 16.66
N SER A 14 -13.82 11.44 15.69
CA SER A 14 -14.86 12.26 15.13
C SER A 14 -15.65 11.43 14.14
N VAL A 15 -16.98 11.38 14.30
CA VAL A 15 -17.84 10.53 13.46
C VAL A 15 -18.95 11.36 12.81
N SER A 16 -19.41 10.92 11.65
CA SER A 16 -20.46 11.63 10.93
C SER A 16 -21.87 11.19 11.32
N ASN A 17 -22.02 9.95 11.75
CA ASN A 17 -23.31 9.37 12.11
C ASN A 17 -23.12 8.50 13.35
N LEU A 18 -23.68 8.98 14.46
CA LEU A 18 -23.43 8.32 15.75
C LEU A 18 -23.97 6.89 15.77
N GLU A 19 -25.20 6.67 15.28
CA GLU A 19 -25.81 5.32 15.28
C GLU A 19 -24.96 4.32 14.50
N LYS A 20 -24.56 4.70 13.29
CA LYS A 20 -23.77 3.86 12.41
C LYS A 20 -22.41 3.57 13.03
N SER A 21 -21.80 4.59 13.63
CA SER A 21 -20.50 4.39 14.27
C SER A 21 -20.58 3.55 15.56
N ILE A 22 -21.62 3.76 16.38
CA ILE A 22 -21.79 2.91 17.54
C ILE A 22 -21.84 1.44 17.14
N GLU A 23 -22.59 1.14 16.09
CA GLU A 23 -22.72 -0.23 15.61
C GLU A 23 -21.36 -0.81 15.22
N PHE A 24 -20.58 -0.03 14.49
CA PHE A 24 -19.23 -0.46 14.10
C PHE A 24 -18.36 -0.76 15.32
N TYR A 25 -18.29 0.20 16.25
CA TYR A 25 -17.43 0.04 17.41
C TYR A 25 -17.86 -1.16 18.29
N GLN A 26 -19.16 -1.40 18.41
CA GLN A 26 -19.67 -2.59 19.10
C GLN A 26 -19.38 -3.87 18.37
N LYS A 27 -19.74 -3.93 17.09
CA LYS A 27 -19.72 -5.23 16.38
C LYS A 27 -18.36 -5.61 15.87
N ILE A 28 -17.58 -4.62 15.45
CA ILE A 28 -16.30 -4.87 14.82
C ILE A 28 -15.17 -4.84 15.84
N LEU A 29 -15.11 -3.78 16.66
CA LEU A 29 -14.06 -3.68 17.65
C LEU A 29 -14.45 -4.29 18.98
N GLN A 30 -15.70 -4.73 19.14
CA GLN A 30 -16.15 -5.44 20.34
C GLN A 30 -16.12 -4.58 21.61
N ALA A 31 -16.26 -3.28 21.42
CA ALA A 31 -16.18 -2.32 22.52
C ALA A 31 -17.53 -2.27 23.25
N LYS A 32 -17.47 -2.01 24.55
CA LYS A 32 -18.67 -1.95 25.40
C LYS A 32 -19.14 -0.51 25.50
N LEU A 33 -20.35 -0.26 25.04
CA LEU A 33 -20.95 1.07 25.17
C LEU A 33 -21.26 1.41 26.62
N LEU A 34 -20.78 2.57 27.06
CA LEU A 34 -20.96 3.04 28.43
C LEU A 34 -21.94 4.20 28.53
N VAL A 35 -21.85 5.15 27.59
CA VAL A 35 -22.63 6.37 27.61
C VAL A 35 -23.03 6.70 26.18
N LYS A 36 -24.28 7.12 25.99
CA LYS A 36 -24.71 7.69 24.71
C LYS A 36 -25.47 8.97 24.99
N GLY A 37 -24.97 10.07 24.42
CA GLY A 37 -25.67 11.36 24.34
C GLY A 37 -26.12 11.66 22.92
N ARG A 38 -26.64 12.88 22.70
N ARG A 38 -26.62 12.88 22.69
CA ARG A 38 -27.08 13.33 21.37
CA ARG A 38 -27.12 13.25 21.36
C ARG A 38 -25.96 13.15 20.35
C ARG A 38 -26.01 13.34 20.30
N LYS A 39 -24.79 13.67 20.71
CA LYS A 39 -23.66 13.79 19.78
C LYS A 39 -22.36 13.17 20.33
N LEU A 40 -22.48 12.26 21.28
CA LEU A 40 -21.34 11.68 21.98
C LEU A 40 -21.61 10.25 22.41
N ALA A 41 -20.58 9.43 22.35
CA ALA A 41 -20.64 8.11 22.98
C ALA A 41 -19.31 7.79 23.65
N TYR A 42 -19.35 7.08 24.78
CA TYR A 42 -18.15 6.53 25.40
C TYR A 42 -18.23 5.01 25.45
N PHE A 43 -17.08 4.38 25.22
CA PHE A 43 -16.92 2.94 25.26
C PHE A 43 -15.72 2.55 26.15
N ASP A 44 -15.73 1.32 26.63
CA ASP A 44 -14.57 0.66 27.24
C ASP A 44 -14.21 -0.49 26.31
N LEU A 45 -12.98 -0.49 25.80
CA LEU A 45 -12.43 -1.63 25.08
C LEU A 45 -11.20 -2.15 25.81
N ASN A 46 -11.41 -3.24 26.55
CA ASN A 46 -10.35 -3.85 27.36
C ASN A 46 -9.56 -2.85 28.21
N GLY A 47 -10.31 -1.95 28.84
CA GLY A 47 -9.73 -0.93 29.73
C GLY A 47 -9.39 0.38 29.07
N LEU A 48 -9.52 0.47 27.74
CA LEU A 48 -9.31 1.71 27.00
C LEU A 48 -10.60 2.49 26.83
N TRP A 49 -10.57 3.74 27.28
CA TRP A 49 -11.67 4.69 27.08
C TRP A 49 -11.65 5.19 25.63
N ILE A 50 -12.72 4.86 24.89
CA ILE A 50 -12.93 5.38 23.52
C ILE A 50 -14.12 6.33 23.54
N ALA A 51 -13.93 7.51 22.95
CA ALA A 51 -15.01 8.48 22.77
C ALA A 51 -15.31 8.64 21.28
N LEU A 52 -16.60 8.74 20.96
CA LEU A 52 -17.05 9.20 19.63
C LEU A 52 -17.72 10.55 19.77
N ASN A 53 -17.31 11.50 18.93
CA ASN A 53 -17.89 12.85 18.92
C ASN A 53 -18.44 13.12 17.53
N VAL A 54 -19.70 13.50 17.43
CA VAL A 54 -20.33 13.76 16.13
C VAL A 54 -19.90 15.12 15.56
N GLU A 55 -19.41 15.09 14.32
CA GLU A 55 -19.14 16.28 13.48
C GLU A 55 -19.70 15.93 12.13
N GLU A 56 -20.89 16.44 11.85
CA GLU A 56 -21.67 15.89 10.73
C GLU A 56 -21.18 16.17 9.32
N ASP A 57 -20.75 17.40 9.08
CA ASP A 57 -20.61 17.92 7.72
C ASP A 57 -19.16 18.28 7.34
N ILE A 58 -18.19 17.67 7.99
CA ILE A 58 -16.77 18.00 7.69
C ILE A 58 -16.28 17.08 6.56
N PRO A 59 -15.30 17.56 5.78
CA PRO A 59 -14.79 16.75 4.67
C PRO A 59 -13.90 15.63 5.17
N ARG A 60 -14.11 14.44 4.61
CA ARG A 60 -13.42 13.23 5.08
C ARG A 60 -12.83 12.42 3.95
N ASN A 61 -12.18 13.12 3.02
CA ASN A 61 -11.55 12.49 1.85
C ASN A 61 -10.05 12.22 2.03
N GLU A 62 -9.33 13.22 2.52
CA GLU A 62 -7.89 13.18 2.62
C GLU A 62 -7.39 12.09 3.58
N ILE A 63 -8.19 11.78 4.57
CA ILE A 63 -7.84 10.71 5.53
C ILE A 63 -7.54 9.40 4.82
N LYS A 64 -8.19 9.20 3.67
CA LYS A 64 -8.00 7.96 2.89
C LYS A 64 -6.55 7.77 2.42
N GLN A 65 -5.84 8.88 2.20
CA GLN A 65 -4.46 8.86 1.69
C GLN A 65 -3.39 8.66 2.74
N SER A 66 -3.76 8.77 4.02
CA SER A 66 -2.78 8.69 5.09
C SER A 66 -2.81 7.31 5.75
N TYR A 67 -1.61 6.76 5.94
CA TYR A 67 -1.48 5.45 6.59
C TYR A 67 -1.59 5.47 8.11
N THR A 68 -1.83 6.63 8.71
CA THR A 68 -2.10 6.66 10.15
C THR A 68 -3.15 5.60 10.51
N HIS A 69 -2.84 4.79 11.54
CA HIS A 69 -3.70 3.69 11.90
C HIS A 69 -3.45 3.22 13.32
N MET A 70 -4.45 2.51 13.86
CA MET A 70 -4.35 1.93 15.20
C MET A 70 -4.55 0.42 15.09
N ALA A 71 -3.63 -0.32 15.71
CA ALA A 71 -3.66 -1.78 15.68
C ALA A 71 -4.05 -2.34 17.05
N PHE A 72 -4.85 -3.40 17.03
CA PHE A 72 -5.22 -4.16 18.22
C PHE A 72 -4.71 -5.59 18.10
N THR A 73 -4.33 -6.15 19.23
CA THR A 73 -3.77 -7.50 19.32
C THR A 73 -4.86 -8.55 19.23
N VAL A 74 -4.65 -9.53 18.35
CA VAL A 74 -5.52 -10.71 18.24
C VAL A 74 -4.66 -11.94 18.05
N THR A 75 -5.23 -13.11 18.32
CA THR A 75 -4.52 -14.36 18.04
C THR A 75 -4.68 -14.72 16.56
N ASN A 76 -3.83 -15.62 16.07
CA ASN A 76 -4.00 -16.14 14.71
C ASN A 76 -5.38 -16.74 14.44
N GLU A 77 -5.90 -17.54 15.36
CA GLU A 77 -7.28 -18.08 15.24
C GLU A 77 -8.35 -16.99 15.20
N ALA A 78 -8.18 -15.99 16.07
CA ALA A 78 -9.12 -14.88 16.11
C ALA A 78 -9.12 -14.14 14.78
N LEU A 79 -7.95 -14.04 14.15
CA LEU A 79 -7.82 -13.27 12.90
C LEU A 79 -8.64 -13.85 11.75
N ASP A 80 -8.61 -15.17 11.58
CA ASP A 80 -9.41 -15.81 10.54
C ASP A 80 -10.92 -15.59 10.75
N HIS A 81 -11.36 -15.69 12.00
CA HIS A 81 -12.77 -15.45 12.34
C HIS A 81 -13.13 -14.01 12.09
N LEU A 82 -12.28 -13.11 12.57
CA LEU A 82 -12.56 -11.68 12.40
C LEU A 82 -12.66 -11.28 10.94
N LYS A 83 -11.87 -11.88 10.05
CA LYS A 83 -11.99 -11.55 8.63
C LYS A 83 -13.43 -11.80 8.11
N GLU A 84 -14.02 -12.93 8.48
CA GLU A 84 -15.38 -13.24 8.03
C GLU A 84 -16.39 -12.28 8.67
N VAL A 85 -16.18 -11.90 9.95
CA VAL A 85 -17.02 -10.90 10.62
C VAL A 85 -16.98 -9.57 9.86
N LEU A 86 -15.78 -9.14 9.47
CA LEU A 86 -15.64 -7.91 8.68
C LEU A 86 -16.38 -8.00 7.33
N ILE A 87 -16.23 -9.13 6.63
CA ILE A 87 -16.91 -9.31 5.34
C ILE A 87 -18.42 -9.34 5.52
N GLN A 88 -18.90 -10.06 6.53
CA GLN A 88 -20.34 -10.17 6.83
C GLN A 88 -20.97 -8.84 7.20
N ASN A 89 -20.18 -7.94 7.77
CA ASN A 89 -20.66 -6.60 8.13
C ASN A 89 -20.34 -5.53 7.08
N ASP A 90 -19.92 -5.93 5.88
CA ASP A 90 -19.63 -4.99 4.78
C ASP A 90 -18.61 -3.91 5.16
N VAL A 91 -17.62 -4.32 5.96
CA VAL A 91 -16.58 -3.38 6.41
C VAL A 91 -15.62 -3.12 5.26
N ASN A 92 -15.14 -1.89 5.17
CA ASN A 92 -14.11 -1.50 4.22
C ASN A 92 -12.75 -2.11 4.61
N ILE A 93 -12.39 -3.23 3.97
CA ILE A 93 -11.14 -3.93 4.22
C ILE A 93 -10.11 -3.37 3.24
N LEU A 94 -8.95 -2.99 3.76
CA LEU A 94 -7.86 -2.42 2.98
C LEU A 94 -6.88 -3.48 2.56
N PRO A 95 -6.32 -3.38 1.33
CA PRO A 95 -5.27 -4.31 0.96
C PRO A 95 -4.02 -3.98 1.76
N GLY A 96 -3.52 -4.94 2.50
CA GLY A 96 -2.32 -4.75 3.27
C GLY A 96 -1.06 -4.66 2.44
N ARG A 97 -0.03 -4.08 3.04
CA ARG A 97 1.30 -4.11 2.49
C ARG A 97 1.86 -5.52 2.33
N GLU A 98 2.90 -5.64 1.51
CA GLU A 98 3.69 -6.89 1.49
C GLU A 98 4.26 -7.16 2.88
N ARG A 99 4.26 -8.44 3.26
CA ARG A 99 4.75 -8.88 4.55
C ARG A 99 5.76 -10.02 4.38
N ASP A 100 6.80 -9.97 5.20
CA ASP A 100 7.61 -11.17 5.47
C ASP A 100 6.84 -12.08 6.45
N GLU A 101 7.08 -13.38 6.45
CA GLU A 101 6.51 -14.23 7.48
C GLU A 101 6.77 -13.67 8.89
N ARG A 102 7.96 -13.09 9.09
CA ARG A 102 8.37 -12.59 10.40
C ARG A 102 7.64 -11.30 10.83
N ASP A 103 6.93 -10.67 9.89
CA ASP A 103 6.06 -9.55 10.20
C ASP A 103 4.85 -9.97 11.02
N GLN A 104 4.52 -11.26 11.03
CA GLN A 104 3.29 -11.80 11.60
C GLN A 104 2.10 -11.31 10.77
N ARG A 105 0.89 -11.72 11.09
CA ARG A 105 -0.26 -11.52 10.21
C ARG A 105 -1.07 -10.33 10.66
N SER A 106 -1.69 -9.68 9.68
CA SER A 106 -2.57 -8.55 9.94
C SER A 106 -3.77 -8.48 8.99
N LEU A 107 -4.83 -7.85 9.49
CA LEU A 107 -5.95 -7.36 8.70
C LEU A 107 -6.07 -5.88 8.91
N TYR A 108 -6.28 -5.13 7.83
CA TYR A 108 -6.41 -3.67 7.88
C TYR A 108 -7.78 -3.30 7.35
N PHE A 109 -8.40 -2.29 7.96
CA PHE A 109 -9.77 -1.94 7.60
C PHE A 109 -10.07 -0.54 8.12
N THR A 110 -11.25 -0.01 7.80
CA THR A 110 -11.60 1.31 8.30
C THR A 110 -12.96 1.34 8.98
N ASP A 111 -13.17 2.36 9.82
CA ASP A 111 -14.52 2.67 10.26
C ASP A 111 -15.27 3.44 9.17
N PRO A 112 -16.55 3.78 9.41
CA PRO A 112 -17.30 4.45 8.34
C PRO A 112 -16.77 5.81 7.90
N ASP A 113 -15.95 6.42 8.74
CA ASP A 113 -15.38 7.73 8.48
C ASP A 113 -13.92 7.75 8.08
N GLY A 114 -13.36 6.57 7.77
CA GLY A 114 -12.03 6.47 7.24
C GLY A 114 -10.93 6.25 8.24
N HIS A 115 -11.26 6.17 9.52
CA HIS A 115 -10.21 5.88 10.52
C HIS A 115 -9.70 4.46 10.29
N LYS A 116 -8.38 4.33 10.08
CA LYS A 116 -7.78 3.03 9.77
C LYS A 116 -7.45 2.27 11.04
N PHE A 117 -7.82 0.99 11.01
CA PHE A 117 -7.56 0.06 12.11
C PHE A 117 -6.88 -1.19 11.57
N GLU A 118 -6.28 -1.94 12.48
CA GLU A 118 -5.59 -3.17 12.16
C GLU A 118 -5.82 -4.18 13.27
N PHE A 119 -5.98 -5.43 12.87
CA PHE A 119 -5.87 -6.56 13.82
C PHE A 119 -4.51 -7.19 13.54
N HIS A 120 -3.68 -7.32 14.57
CA HIS A 120 -2.30 -7.80 14.38
C HIS A 120 -2.00 -8.92 15.33
N THR A 121 -1.28 -9.94 14.84
CA THR A 121 -1.00 -11.17 15.61
C THR A 121 0.41 -11.22 16.20
N GLY A 122 1.22 -10.20 15.94
CA GLY A 122 2.59 -10.11 16.44
C GLY A 122 2.77 -9.17 17.60
N THR A 123 4.02 -9.02 18.01
CA THR A 123 4.40 -8.12 19.07
C THR A 123 5.53 -7.22 18.59
N LEU A 124 5.78 -6.16 19.35
CA LEU A 124 6.93 -5.30 19.08
C LEU A 124 8.24 -6.10 19.14
N GLN A 125 8.36 -6.98 20.15
CA GLN A 125 9.56 -7.78 20.27
C GLN A 125 9.76 -8.71 19.05
N ASN A 126 8.67 -9.26 18.48
CA ASN A 126 8.80 -10.01 17.20
C ASN A 126 9.42 -9.14 16.11
N ARG A 127 8.93 -7.91 16.02
CA ARG A 127 9.33 -7.00 14.95
C ARG A 127 10.79 -6.55 15.11
N LEU A 128 11.17 -6.22 16.34
CA LEU A 128 12.56 -5.83 16.65
C LEU A 128 13.53 -6.96 16.37
N GLU A 129 13.16 -8.19 16.75
CA GLU A 129 14.05 -9.34 16.54
C GLU A 129 14.20 -9.62 15.04
N TYR A 130 13.10 -9.50 14.29
CA TYR A 130 13.13 -9.62 12.84
C TYR A 130 14.05 -8.56 12.23
N TYR A 131 13.81 -7.30 12.58
CA TYR A 131 14.58 -6.21 11.98
C TYR A 131 16.07 -6.29 12.31
N LYS A 132 16.38 -6.60 13.55
CA LYS A 132 17.78 -6.71 13.94
C LYS A 132 18.49 -7.82 13.17
N GLU A 133 17.81 -8.93 12.92
CA GLU A 133 18.41 -10.04 12.17
C GLU A 133 18.59 -9.69 10.68
N ASP A 134 17.63 -8.98 10.10
CA ASP A 134 17.47 -8.90 8.64
C ASP A 134 17.78 -7.54 8.00
N LYS A 135 17.55 -6.44 8.69
CA LYS A 135 17.50 -5.14 8.02
C LYS A 135 18.83 -4.42 7.99
N LYS A 136 19.13 -3.84 6.84
CA LYS A 136 20.19 -2.86 6.68
C LYS A 136 19.53 -1.51 6.46
N HIS A 137 20.36 -0.47 6.42
CA HIS A 137 19.89 0.90 6.25
C HIS A 137 18.96 1.32 7.41
N MET A 138 19.29 0.82 8.59
CA MET A 138 18.49 1.03 9.79
C MET A 138 19.42 1.17 10.99
N THR A 139 18.97 1.98 11.94
CA THR A 139 19.65 2.17 13.21
C THR A 139 18.79 1.61 14.32
N PHE A 140 19.42 0.83 15.20
CA PHE A 140 18.79 0.27 16.39
C PHE A 140 19.36 0.90 17.63
N TYR A 141 18.49 1.41 18.48
CA TYR A 141 18.89 2.14 19.70
C TYR A 141 18.67 1.32 20.97
N ILE A 142 18.15 0.10 20.85
CA ILE A 142 17.98 -0.82 22.00
C ILE A 142 18.60 -2.18 21.73
N ALA B 3 -7.08 -9.76 -35.82
CA ALA B 3 -6.06 -9.11 -34.95
C ALA B 3 -5.41 -7.91 -35.66
N MET B 4 -6.00 -6.73 -35.46
CA MET B 4 -5.60 -5.53 -36.20
C MET B 4 -4.61 -4.64 -35.46
N LEU B 5 -4.30 -4.98 -34.21
CA LEU B 5 -3.20 -4.32 -33.51
C LEU B 5 -1.95 -5.19 -33.68
N GLN B 6 -0.77 -4.57 -33.75
CA GLN B 6 0.50 -5.29 -34.03
C GLN B 6 1.56 -5.01 -32.93
N GLY B 7 1.10 -4.91 -31.69
CA GLY B 7 2.00 -4.72 -30.54
C GLY B 7 2.10 -3.29 -30.07
N ILE B 8 2.74 -3.10 -28.93
CA ILE B 8 3.01 -1.76 -28.42
C ILE B 8 3.94 -1.03 -29.40
N ASN B 9 3.52 0.18 -29.77
CA ASN B 9 4.32 1.06 -30.58
C ASN B 9 5.25 1.91 -29.73
N HIS B 10 4.68 2.59 -28.74
CA HIS B 10 5.45 3.38 -27.82
C HIS B 10 4.65 3.63 -26.57
N ILE B 11 5.35 4.03 -25.52
N ILE B 11 5.34 3.93 -25.48
CA ILE B 11 4.75 4.46 -24.27
CA ILE B 11 4.69 4.45 -24.26
C ILE B 11 5.29 5.82 -23.91
C ILE B 11 5.24 5.83 -24.00
N CYS B 12 4.38 6.74 -23.56
CA CYS B 12 4.75 8.12 -23.30
C CYS B 12 4.41 8.43 -21.85
N PHE B 13 5.35 9.12 -21.19
CA PHE B 13 5.14 9.61 -19.84
C PHE B 13 5.28 11.13 -19.81
N SER B 14 4.27 11.79 -19.23
CA SER B 14 4.34 13.22 -18.97
C SER B 14 5.21 13.45 -17.74
N VAL B 15 6.21 14.33 -17.86
CA VAL B 15 7.14 14.58 -16.78
C VAL B 15 7.21 16.06 -16.45
N SER B 16 7.53 16.36 -15.20
CA SER B 16 7.59 17.75 -14.77
C SER B 16 8.97 18.39 -14.95
N ASN B 17 10.04 17.57 -14.89
CA ASN B 17 11.42 18.04 -15.04
C ASN B 17 12.17 17.05 -15.86
N LEU B 18 12.52 17.45 -17.08
CA LEU B 18 13.12 16.52 -18.03
C LEU B 18 14.47 15.97 -17.57
N GLU B 19 15.33 16.82 -17.06
CA GLU B 19 16.64 16.37 -16.60
C GLU B 19 16.53 15.31 -15.52
N LYS B 20 15.69 15.57 -14.52
CA LYS B 20 15.53 14.60 -13.45
C LYS B 20 14.90 13.30 -13.95
N SER B 21 13.94 13.39 -14.87
CA SER B 21 13.30 12.19 -15.38
C SER B 21 14.26 11.41 -16.28
N ILE B 22 15.05 12.09 -17.11
CA ILE B 22 16.06 11.36 -17.93
C ILE B 22 16.98 10.53 -17.03
N GLU B 23 17.44 11.11 -15.95
CA GLU B 23 18.33 10.39 -15.05
C GLU B 23 17.63 9.15 -14.45
N PHE B 24 16.36 9.31 -14.05
CA PHE B 24 15.60 8.16 -13.53
C PHE B 24 15.47 7.04 -14.57
N TYR B 25 15.06 7.39 -15.78
CA TYR B 25 14.80 6.33 -16.78
C TYR B 25 16.13 5.64 -17.19
N GLN B 26 17.24 6.39 -17.20
CA GLN B 26 18.58 5.80 -17.42
C GLN B 26 19.03 4.92 -16.27
N LYS B 27 19.04 5.48 -15.05
CA LYS B 27 19.67 4.79 -13.91
C LYS B 27 18.82 3.67 -13.32
N ILE B 28 17.51 3.87 -13.29
CA ILE B 28 16.59 2.95 -12.62
C ILE B 28 16.00 1.93 -13.58
N LEU B 29 15.50 2.38 -14.74
CA LEU B 29 14.93 1.45 -15.73
C LEU B 29 15.93 1.00 -16.78
N GLN B 30 17.17 1.49 -16.70
CA GLN B 30 18.27 1.06 -17.57
C GLN B 30 17.95 1.27 -19.04
N ALA B 31 17.20 2.34 -19.32
CA ALA B 31 16.81 2.66 -20.68
C ALA B 31 17.93 3.45 -21.37
N LYS B 32 18.06 3.26 -22.68
CA LYS B 32 19.06 3.97 -23.47
C LYS B 32 18.45 5.21 -24.09
N LEU B 33 19.01 6.37 -23.75
CA LEU B 33 18.58 7.63 -24.35
C LEU B 33 18.88 7.62 -25.85
N LEU B 34 17.86 7.95 -26.64
CA LEU B 34 17.98 8.05 -28.12
C LEU B 34 17.93 9.47 -28.67
N VAL B 35 17.11 10.32 -28.06
CA VAL B 35 16.92 11.70 -28.51
C VAL B 35 16.69 12.56 -27.27
N LYS B 36 17.31 13.73 -27.25
CA LYS B 36 17.07 14.76 -26.21
C LYS B 36 16.79 16.08 -26.89
N GLY B 37 15.62 16.63 -26.57
CA GLY B 37 15.25 17.98 -27.03
C GLY B 37 14.96 18.84 -25.82
N ARG B 38 14.45 20.04 -26.09
CA ARG B 38 14.12 21.00 -25.02
C ARG B 38 13.02 20.48 -24.10
N LYS B 39 12.00 19.85 -24.66
CA LYS B 39 10.84 19.40 -23.87
C LYS B 39 10.47 17.92 -24.10
N LEU B 40 11.39 17.16 -24.69
CA LEU B 40 11.15 15.75 -24.95
C LEU B 40 12.42 14.95 -24.92
N ALA B 41 12.23 13.67 -24.62
CA ALA B 41 13.32 12.70 -24.72
C ALA B 41 12.72 11.38 -25.16
N TYR B 42 13.46 10.64 -25.98
CA TYR B 42 13.08 9.30 -26.36
C TYR B 42 14.14 8.32 -25.88
N PHE B 43 13.69 7.13 -25.52
CA PHE B 43 14.55 6.03 -25.06
C PHE B 43 14.17 4.73 -25.77
N ASP B 44 15.13 3.81 -25.78
CA ASP B 44 14.88 2.40 -26.08
C ASP B 44 15.10 1.59 -24.81
N LEU B 45 14.11 0.82 -24.42
CA LEU B 45 14.29 -0.14 -23.34
C LEU B 45 14.00 -1.53 -23.90
N ASN B 46 15.06 -2.26 -24.28
CA ASN B 46 14.93 -3.62 -24.80
C ASN B 46 13.93 -3.74 -25.94
N GLY B 47 13.96 -2.74 -26.83
CA GLY B 47 13.09 -2.70 -28.00
C GLY B 47 11.85 -1.85 -27.86
N LEU B 48 11.56 -1.37 -26.65
CA LEU B 48 10.38 -0.58 -26.36
C LEU B 48 10.76 0.89 -26.48
N TRP B 49 10.05 1.61 -27.35
CA TRP B 49 10.16 3.06 -27.48
C TRP B 49 9.41 3.73 -26.32
N ILE B 50 10.18 4.47 -25.49
CA ILE B 50 9.62 5.27 -24.41
C ILE B 50 9.82 6.74 -24.76
N ALA B 51 8.79 7.55 -24.57
CA ALA B 51 8.89 8.99 -24.77
C ALA B 51 8.61 9.69 -23.45
N LEU B 52 9.37 10.73 -23.15
CA LEU B 52 9.08 11.66 -22.06
C LEU B 52 8.68 12.98 -22.67
N ASN B 53 7.57 13.56 -22.22
CA ASN B 53 7.09 14.88 -22.70
C ASN B 53 6.94 15.77 -21.49
N VAL B 54 7.52 16.97 -21.51
CA VAL B 54 7.42 17.87 -20.37
C VAL B 54 6.06 18.58 -20.29
N GLU B 55 5.42 18.46 -19.13
CA GLU B 55 4.24 19.26 -18.75
C GLU B 55 4.50 19.75 -17.33
N GLU B 56 4.90 20.99 -17.20
CA GLU B 56 5.52 21.43 -15.95
C GLU B 56 4.60 21.60 -14.77
N ASP B 57 3.39 22.11 -15.03
N ASP B 57 3.42 22.16 -15.01
CA ASP B 57 2.55 22.67 -13.96
CA ASP B 57 2.54 22.62 -13.93
C ASP B 57 1.23 21.92 -13.69
C ASP B 57 1.16 22.01 -14.00
N ILE B 58 1.10 20.70 -14.22
CA ILE B 58 -0.15 19.94 -14.06
C ILE B 58 -0.19 19.29 -12.66
N PRO B 59 -1.41 19.09 -12.11
CA PRO B 59 -1.51 18.47 -10.79
C PRO B 59 -1.20 16.98 -10.88
N ARG B 60 -0.47 16.47 -9.91
CA ARG B 60 -0.01 15.08 -9.92
C ARG B 60 -0.21 14.41 -8.55
N ASN B 61 -1.40 14.64 -8.01
N ASN B 61 -1.34 14.65 -7.85
CA ASN B 61 -1.82 14.21 -6.70
CA ASN B 61 -1.67 13.92 -6.58
C ASN B 61 -2.57 12.85 -6.75
C ASN B 61 -2.52 12.68 -6.82
N GLU B 62 -3.59 12.80 -7.60
CA GLU B 62 -4.51 11.66 -7.75
C GLU B 62 -3.87 10.39 -8.28
N ILE B 63 -2.79 10.53 -9.06
CA ILE B 63 -2.09 9.35 -9.58
C ILE B 63 -1.62 8.42 -8.45
N LYS B 64 -1.34 8.99 -7.27
CA LYS B 64 -0.89 8.20 -6.11
C LYS B 64 -1.96 7.18 -5.67
N GLN B 65 -3.21 7.53 -5.90
CA GLN B 65 -4.36 6.72 -5.42
C GLN B 65 -4.75 5.59 -6.35
N SER B 66 -4.21 5.58 -7.58
CA SER B 66 -4.55 4.55 -8.57
C SER B 66 -3.47 3.48 -8.67
N TYR B 67 -3.91 2.22 -8.71
CA TYR B 67 -2.96 1.12 -8.80
C TYR B 67 -2.42 0.87 -10.20
N THR B 68 -2.85 1.63 -11.20
CA THR B 68 -2.31 1.49 -12.56
C THR B 68 -0.77 1.49 -12.51
N HIS B 69 -0.15 0.51 -13.17
CA HIS B 69 1.30 0.37 -13.10
C HIS B 69 1.82 -0.47 -14.25
N MET B 70 3.12 -0.38 -14.49
CA MET B 70 3.77 -1.18 -15.51
C MET B 70 4.87 -2.02 -14.86
N ALA B 71 4.91 -3.30 -15.21
CA ALA B 71 5.92 -4.23 -14.67
C ALA B 71 6.90 -4.68 -15.72
N PHE B 72 8.16 -4.81 -15.33
CA PHE B 72 9.22 -5.34 -16.17
C PHE B 72 9.75 -6.62 -15.58
N THR B 73 10.13 -7.56 -16.45
CA THR B 73 10.64 -8.87 -16.05
C THR B 73 12.09 -8.75 -15.61
N VAL B 74 12.39 -9.35 -14.46
CA VAL B 74 13.75 -9.48 -13.95
C VAL B 74 13.92 -10.87 -13.34
N THR B 75 15.17 -11.29 -13.21
CA THR B 75 15.46 -12.53 -12.49
C THR B 75 15.48 -12.25 -10.99
N ASN B 76 15.42 -13.31 -10.20
CA ASN B 76 15.58 -13.17 -8.74
C ASN B 76 16.90 -12.49 -8.33
N GLU B 77 18.02 -12.87 -8.93
N GLU B 77 18.02 -12.88 -8.94
CA GLU B 77 19.30 -12.21 -8.63
CA GLU B 77 19.31 -12.22 -8.68
C GLU B 77 19.32 -10.74 -9.07
C GLU B 77 19.31 -10.73 -9.07
N ALA B 78 18.66 -10.41 -10.19
CA ALA B 78 18.57 -9.02 -10.64
C ALA B 78 17.75 -8.17 -9.65
N LEU B 79 16.66 -8.75 -9.13
CA LEU B 79 15.80 -8.06 -8.16
C LEU B 79 16.59 -7.62 -6.91
N ASP B 80 17.48 -8.49 -6.41
CA ASP B 80 18.29 -8.13 -5.23
C ASP B 80 19.24 -6.94 -5.51
N HIS B 81 19.87 -6.95 -6.68
CA HIS B 81 20.71 -5.83 -7.11
C HIS B 81 19.87 -4.56 -7.27
N LEU B 82 18.75 -4.70 -7.97
CA LEU B 82 17.89 -3.55 -8.26
C LEU B 82 17.36 -2.88 -7.00
N LYS B 83 17.04 -3.65 -5.96
CA LYS B 83 16.64 -3.05 -4.69
C LYS B 83 17.71 -2.07 -4.16
N GLU B 84 18.97 -2.49 -4.22
CA GLU B 84 20.05 -1.63 -3.78
C GLU B 84 20.18 -0.38 -4.62
N VAL B 85 20.00 -0.51 -5.93
CA VAL B 85 20.05 0.63 -6.84
C VAL B 85 18.95 1.64 -6.50
N LEU B 86 17.75 1.15 -6.20
N LEU B 86 17.74 1.14 -6.25
CA LEU B 86 16.66 2.06 -5.86
CA LEU B 86 16.61 1.99 -5.84
C LEU B 86 16.94 2.79 -4.57
C LEU B 86 16.98 2.79 -4.59
N ILE B 87 17.48 2.08 -3.58
CA ILE B 87 17.86 2.68 -2.31
C ILE B 87 18.96 3.74 -2.50
N GLN B 88 19.99 3.37 -3.26
CA GLN B 88 21.12 4.27 -3.49
C GLN B 88 20.70 5.55 -4.19
N ASN B 89 19.67 5.45 -5.03
CA ASN B 89 19.16 6.58 -5.81
C ASN B 89 17.95 7.31 -5.21
N ASP B 90 17.63 7.00 -3.95
N ASP B 90 17.64 7.06 -3.94
CA ASP B 90 16.54 7.62 -3.19
CA ASP B 90 16.53 7.72 -3.23
C ASP B 90 15.20 7.54 -3.96
C ASP B 90 15.18 7.53 -3.93
N VAL B 91 14.98 6.38 -4.56
CA VAL B 91 13.72 6.12 -5.27
C VAL B 91 12.58 5.84 -4.28
N ASN B 92 11.39 6.32 -4.61
CA ASN B 92 10.20 6.03 -3.82
C ASN B 92 9.79 4.58 -4.04
N ILE B 93 10.14 3.72 -3.07
CA ILE B 93 9.77 2.32 -3.06
C ILE B 93 8.46 2.15 -2.30
N LEU B 94 7.50 1.52 -2.94
CA LEU B 94 6.16 1.39 -2.41
C LEU B 94 6.05 0.16 -1.49
N PRO B 95 5.03 0.14 -0.61
CA PRO B 95 4.84 -1.00 0.29
C PRO B 95 4.47 -2.30 -0.39
N GLY B 96 3.96 -2.26 -1.61
CA GLY B 96 3.46 -3.46 -2.25
C GLY B 96 2.21 -4.04 -1.64
N ARG B 97 1.91 -5.26 -2.01
CA ARG B 97 0.71 -5.97 -1.53
C ARG B 97 1.08 -7.31 -0.92
N GLU B 98 0.16 -7.88 -0.15
CA GLU B 98 0.38 -9.24 0.35
C GLU B 98 0.51 -10.19 -0.82
N ARG B 99 1.47 -11.10 -0.69
CA ARG B 99 1.75 -12.06 -1.73
C ARG B 99 1.77 -13.49 -1.18
N ASP B 100 1.17 -14.39 -1.95
CA ASP B 100 1.40 -15.81 -1.78
C ASP B 100 2.80 -16.10 -2.35
N GLU B 101 3.46 -17.14 -1.85
N GLU B 101 3.46 -17.15 -1.87
CA GLU B 101 4.72 -17.60 -2.45
CA GLU B 101 4.74 -17.56 -2.46
C GLU B 101 4.58 -17.73 -3.97
C GLU B 101 4.61 -17.81 -3.97
N ARG B 102 3.42 -18.25 -4.41
CA ARG B 102 3.15 -18.50 -5.81
C ARG B 102 2.93 -17.26 -6.66
N ASP B 103 2.74 -16.12 -6.01
CA ASP B 103 2.71 -14.83 -6.72
C ASP B 103 4.06 -14.45 -7.30
N GLN B 104 5.15 -15.12 -6.86
CA GLN B 104 6.52 -14.78 -7.24
C GLN B 104 6.87 -13.41 -6.63
N ARG B 105 8.08 -12.93 -6.83
CA ARG B 105 8.57 -11.73 -6.12
C ARG B 105 8.44 -10.47 -6.96
N SER B 106 8.22 -9.35 -6.29
CA SER B 106 8.14 -8.05 -6.95
C SER B 106 8.70 -6.94 -6.07
N LEU B 107 9.14 -5.87 -6.73
CA LEU B 107 9.44 -4.59 -6.12
C LEU B 107 8.62 -3.52 -6.84
N TYR B 108 7.91 -2.68 -6.09
CA TYR B 108 7.10 -1.61 -6.66
C TYR B 108 7.70 -0.27 -6.27
N PHE B 109 7.63 0.68 -7.20
CA PHE B 109 8.26 1.98 -6.99
C PHE B 109 7.64 2.99 -7.97
N THR B 110 8.03 4.25 -7.85
CA THR B 110 7.52 5.28 -8.77
C THR B 110 8.64 6.09 -9.37
N ASP B 111 8.35 6.71 -10.52
CA ASP B 111 9.22 7.75 -11.05
C ASP B 111 8.94 9.06 -10.32
N PRO B 112 9.67 10.12 -10.64
CA PRO B 112 9.51 11.37 -9.91
C PRO B 112 8.11 11.99 -9.97
N ASP B 113 7.33 11.62 -10.98
CA ASP B 113 6.00 12.17 -11.21
C ASP B 113 4.86 11.22 -10.86
N GLY B 114 5.18 10.15 -10.15
CA GLY B 114 4.20 9.22 -9.60
C GLY B 114 3.78 8.06 -10.46
N HIS B 115 4.38 7.95 -11.66
CA HIS B 115 4.09 6.76 -12.48
C HIS B 115 4.61 5.52 -11.75
N LYS B 116 3.72 4.55 -11.56
N LYS B 116 3.75 4.53 -11.62
CA LYS B 116 4.03 3.33 -10.81
CA LYS B 116 4.07 3.35 -10.83
C LYS B 116 4.67 2.28 -11.72
C LYS B 116 4.65 2.25 -11.71
N PHE B 117 5.76 1.68 -11.24
CA PHE B 117 6.50 0.64 -11.92
C PHE B 117 6.72 -0.52 -10.99
N GLU B 118 7.06 -1.65 -11.58
CA GLU B 118 7.26 -2.89 -10.85
C GLU B 118 8.37 -3.67 -11.53
N PHE B 119 9.24 -4.28 -10.72
CA PHE B 119 10.13 -5.34 -11.19
C PHE B 119 9.52 -6.67 -10.70
N HIS B 120 9.26 -7.60 -11.61
CA HIS B 120 8.57 -8.85 -11.29
C HIS B 120 9.36 -10.04 -11.82
N THR B 121 9.46 -11.09 -10.99
CA THR B 121 10.22 -12.31 -11.31
C THR B 121 9.40 -13.48 -11.86
N GLY B 122 8.08 -13.31 -11.95
CA GLY B 122 7.15 -14.36 -12.38
C GLY B 122 6.67 -14.22 -13.81
N THR B 123 5.84 -15.18 -14.22
CA THR B 123 5.21 -15.20 -15.52
C THR B 123 3.72 -15.22 -15.38
N LEU B 124 3.04 -14.91 -16.49
CA LEU B 124 1.61 -15.07 -16.56
C LEU B 124 1.20 -16.54 -16.29
N GLN B 125 1.99 -17.46 -16.83
N GLN B 125 1.94 -17.49 -16.88
CA GLN B 125 1.76 -18.88 -16.69
CA GLN B 125 1.70 -18.92 -16.65
C GLN B 125 1.76 -19.27 -15.19
C GLN B 125 1.76 -19.29 -15.17
N ASN B 126 2.75 -18.76 -14.45
CA ASN B 126 2.83 -18.95 -13.00
C ASN B 126 1.53 -18.51 -12.31
N ARG B 127 1.06 -17.32 -12.69
CA ARG B 127 -0.10 -16.72 -12.04
C ARG B 127 -1.38 -17.52 -12.33
N LEU B 128 -1.58 -17.93 -13.59
CA LEU B 128 -2.74 -18.74 -13.96
C LEU B 128 -2.75 -20.06 -13.21
N GLU B 129 -1.59 -20.71 -13.15
CA GLU B 129 -1.44 -22.01 -12.48
C GLU B 129 -1.75 -21.87 -10.99
N TYR B 130 -1.26 -20.81 -10.37
CA TYR B 130 -1.59 -20.49 -8.98
C TYR B 130 -3.10 -20.31 -8.79
N TYR B 131 -3.71 -19.46 -9.61
CA TYR B 131 -5.14 -19.20 -9.43
C TYR B 131 -6.00 -20.45 -9.59
N LYS B 132 -5.65 -21.29 -10.56
CA LYS B 132 -6.36 -22.54 -10.76
C LYS B 132 -6.13 -23.54 -9.61
N GLU B 133 -4.87 -23.70 -9.20
CA GLU B 133 -4.51 -24.60 -8.08
C GLU B 133 -5.14 -24.19 -6.75
N ASP B 134 -5.18 -22.87 -6.52
CA ASP B 134 -5.73 -22.32 -5.27
C ASP B 134 -7.27 -22.27 -5.24
N LYS B 135 -7.93 -22.71 -6.31
CA LYS B 135 -9.39 -22.83 -6.37
C LYS B 135 -10.08 -21.48 -6.23
N LYS B 136 -9.44 -20.44 -6.76
CA LYS B 136 -10.03 -19.09 -6.72
C LYS B 136 -11.35 -19.04 -7.49
N HIS B 137 -12.27 -18.23 -7.00
CA HIS B 137 -13.61 -18.09 -7.57
C HIS B 137 -13.54 -17.22 -8.81
N MET B 138 -13.09 -17.87 -9.89
CA MET B 138 -12.73 -17.22 -11.14
C MET B 138 -13.11 -18.11 -12.30
N THR B 139 -13.21 -17.49 -13.47
CA THR B 139 -13.42 -18.20 -14.71
C THR B 139 -12.18 -17.97 -15.58
N PHE B 140 -11.75 -19.01 -16.30
CA PHE B 140 -10.51 -18.97 -17.10
C PHE B 140 -10.86 -19.26 -18.56
N TYR B 141 -10.04 -18.72 -19.46
CA TYR B 141 -10.23 -18.85 -20.89
C TYR B 141 -8.97 -19.33 -21.62
N ILE B 142 -8.01 -19.89 -20.88
CA ILE B 142 -6.76 -20.44 -21.44
C ILE B 142 -6.22 -21.45 -20.42
#